data_1R54
#
_entry.id   1R54
#
_cell.length_a   56.476
_cell.length_b   65.461
_cell.length_c   99.863
_cell.angle_alpha   90
_cell.angle_beta   90
_cell.angle_gamma   90
#
_symmetry.space_group_name_H-M   'C 2 2 21'
#
loop_
_entity.id
_entity.type
_entity.pdbx_description
1 polymer 'ADAM 33'
2 branched 2-acetamido-2-deoxy-beta-D-glucopyranose-(1-4)-2-acetamido-2-deoxy-beta-D-glucopyranose
3 non-polymer 'ZINC ION'
4 non-polymer 'CALCIUM ION'
5 non-polymer 'CHLORIDE ION'
6 water water
#
_entity_poly.entity_id   1
_entity_poly.type   'polypeptide(L)'
_entity_poly.pdbx_seq_one_letter_code
;EARRTRKYLELYIVADHTLFLTRHRNLQHTKQRLLEVANYVDQLLRTLDIQVALTGLEVWTERDRSRVTQDANATLWAFL
QWRRGLWAQRPHDSAQLLTGRAFQGATVGLAPVEGMCRAESSGGVSTDHSELPIGAAATMAHEIGHSLGLSHDPDGCCVE
AAAESGGCVMAAATGHPFPRVFSACSRRQLRAFFRKGGGACLSNAPSGHHHHHH
;
_entity_poly.pdbx_strand_id   A
#
# COMPACT_ATOMS: atom_id res chain seq x y z
N GLU A 1 17.38 23.79 14.08
CA GLU A 1 16.97 22.46 13.57
C GLU A 1 17.55 22.23 12.18
N ALA A 2 17.14 21.14 11.55
CA ALA A 2 17.61 20.81 10.22
C ALA A 2 16.46 20.18 9.44
N ARG A 3 16.56 20.22 8.12
CA ARG A 3 15.53 19.66 7.26
C ARG A 3 15.92 18.26 6.81
N ARG A 4 14.99 17.33 6.92
CA ARG A 4 15.24 15.95 6.51
C ARG A 4 14.93 15.82 5.02
N THR A 5 15.75 15.07 4.31
CA THR A 5 15.56 14.86 2.89
C THR A 5 14.34 13.99 2.66
N ARG A 6 13.39 14.50 1.87
CA ARG A 6 12.16 13.76 1.59
C ARG A 6 12.43 12.58 0.67
N LYS A 7 11.55 11.59 0.74
CA LYS A 7 11.63 10.40 -0.08
C LYS A 7 10.32 10.39 -0.88
N TYR A 8 10.35 9.80 -2.05
CA TYR A 8 9.16 9.75 -2.90
C TYR A 8 8.87 8.33 -3.36
N LEU A 9 7.62 7.91 -3.17
CA LEU A 9 7.20 6.59 -3.59
C LEU A 9 6.36 6.75 -4.85
N GLU A 10 6.90 6.33 -5.99
CA GLU A 10 6.17 6.39 -7.25
C GLU A 10 5.27 5.18 -7.24
N LEU A 11 3.99 5.45 -7.06
CA LEU A 11 2.97 4.43 -6.94
C LEU A 11 2.07 4.22 -8.15
N TYR A 12 1.86 2.96 -8.51
CA TYR A 12 0.97 2.61 -9.60
C TYR A 12 -0.15 1.81 -8.93
N ILE A 13 -1.39 2.28 -9.05
CA ILE A 13 -2.49 1.58 -8.40
C ILE A 13 -3.49 1.00 -9.39
N VAL A 14 -3.91 -0.23 -9.09
CA VAL A 14 -4.82 -0.98 -9.93
C VAL A 14 -6.11 -1.44 -9.24
N ALA A 15 -7.23 -1.30 -9.93
CA ALA A 15 -8.51 -1.75 -9.41
C ALA A 15 -8.85 -2.99 -10.22
N ASP A 16 -9.10 -4.12 -9.55
CA ASP A 16 -9.43 -5.35 -10.28
C ASP A 16 -10.85 -5.31 -10.80
N HIS A 17 -11.24 -6.33 -11.56
CA HIS A 17 -12.57 -6.36 -12.14
C HIS A 17 -13.69 -6.38 -11.11
N THR A 18 -13.51 -7.13 -10.02
CA THR A 18 -14.53 -7.20 -8.99
C THR A 18 -14.79 -5.82 -8.36
N LEU A 19 -13.74 -5.04 -8.16
CA LEU A 19 -13.92 -3.70 -7.58
C LEU A 19 -14.72 -2.86 -8.58
N PHE A 20 -14.39 -3.02 -9.86
CA PHE A 20 -15.09 -2.29 -10.92
C PHE A 20 -16.58 -2.66 -10.87
N LEU A 21 -16.87 -3.95 -10.75
CA LEU A 21 -18.25 -4.42 -10.71
C LEU A 21 -18.95 -3.86 -9.48
N THR A 22 -18.21 -3.80 -8.39
CA THR A 22 -18.75 -3.28 -7.13
C THR A 22 -19.16 -1.82 -7.29
N ARG A 23 -18.38 -1.06 -8.06
CA ARG A 23 -18.64 0.36 -8.30
C ARG A 23 -19.57 0.52 -9.50
N HIS A 24 -20.50 -0.43 -9.64
CA HIS A 24 -21.49 -0.43 -10.71
C HIS A 24 -20.94 -0.20 -12.12
N ARG A 25 -19.79 -0.80 -12.40
CA ARG A 25 -19.15 -0.67 -13.70
C ARG A 25 -18.97 0.79 -14.11
N ASN A 26 -18.75 1.65 -13.13
CA ASN A 26 -18.54 3.06 -13.39
C ASN A 26 -17.03 3.31 -13.40
N LEU A 27 -16.45 3.49 -14.57
CA LEU A 27 -15.02 3.72 -14.70
C LEU A 27 -14.56 4.96 -13.93
N GLN A 28 -15.23 6.07 -14.18
CA GLN A 28 -14.91 7.33 -13.53
C GLN A 28 -14.93 7.23 -12.00
N HIS A 29 -15.97 6.61 -11.44
CA HIS A 29 -16.06 6.48 -10.00
C HIS A 29 -15.10 5.43 -9.43
N THR A 30 -14.67 4.48 -10.25
CA THR A 30 -13.72 3.47 -9.78
C THR A 30 -12.36 4.18 -9.68
N LYS A 31 -12.04 5.00 -10.67
CA LYS A 31 -10.80 5.74 -10.66
C LYS A 31 -10.78 6.74 -9.50
N GLN A 32 -11.93 7.34 -9.23
CA GLN A 32 -12.02 8.30 -8.13
C GLN A 32 -11.71 7.59 -6.81
N ARG A 33 -12.20 6.35 -6.67
CA ARG A 33 -11.95 5.60 -5.45
C ARG A 33 -10.46 5.32 -5.27
N LEU A 34 -9.79 4.93 -6.36
CA LEU A 34 -8.36 4.65 -6.31
C LEU A 34 -7.58 5.91 -5.92
N LEU A 35 -8.00 7.03 -6.46
CA LEU A 35 -7.33 8.30 -6.17
C LEU A 35 -7.51 8.69 -4.71
N GLU A 36 -8.71 8.46 -4.16
CA GLU A 36 -8.97 8.81 -2.78
C GLU A 36 -8.20 7.89 -1.85
N VAL A 37 -8.11 6.61 -2.21
CA VAL A 37 -7.35 5.69 -1.39
C VAL A 37 -5.88 6.08 -1.44
N ALA A 38 -5.38 6.42 -2.62
CA ALA A 38 -3.98 6.82 -2.74
C ALA A 38 -3.73 8.07 -1.89
N ASN A 39 -4.70 8.98 -1.88
CA ASN A 39 -4.59 10.21 -1.10
C ASN A 39 -4.35 9.91 0.38
N TYR A 40 -5.10 8.96 0.93
CA TYR A 40 -4.93 8.59 2.33
C TYR A 40 -3.61 7.86 2.54
N VAL A 41 -3.19 7.09 1.54
CA VAL A 41 -1.91 6.39 1.66
C VAL A 41 -0.81 7.46 1.74
N ASP A 42 -0.95 8.51 0.95
CA ASP A 42 0.01 9.61 0.96
C ASP A 42 0.04 10.27 2.35
N GLN A 43 -1.13 10.55 2.91
CA GLN A 43 -1.21 11.17 4.23
C GLN A 43 -0.46 10.32 5.27
N LEU A 44 -0.76 9.02 5.29
CA LEU A 44 -0.12 8.10 6.24
C LEU A 44 1.40 8.00 6.04
N LEU A 45 1.85 7.80 4.81
CA LEU A 45 3.28 7.68 4.54
C LEU A 45 4.06 8.95 4.84
N ARG A 46 3.41 10.10 4.77
CA ARG A 46 4.11 11.34 5.05
C ARG A 46 4.63 11.38 6.48
N THR A 47 4.00 10.63 7.38
CA THR A 47 4.48 10.62 8.76
C THR A 47 5.78 9.83 8.82
N LEU A 48 6.17 9.25 7.67
CA LEU A 48 7.41 8.49 7.54
C LEU A 48 8.37 9.31 6.66
N ASP A 49 7.97 10.52 6.33
CA ASP A 49 8.77 11.41 5.48
C ASP A 49 8.79 10.91 4.05
N ILE A 50 7.78 10.14 3.67
CA ILE A 50 7.66 9.61 2.32
C ILE A 50 6.44 10.25 1.67
N GLN A 51 6.62 10.80 0.48
CA GLN A 51 5.53 11.45 -0.24
C GLN A 51 5.13 10.59 -1.43
N VAL A 52 3.84 10.39 -1.63
CA VAL A 52 3.38 9.57 -2.75
C VAL A 52 3.26 10.36 -4.05
N ALA A 53 3.78 9.76 -5.12
CA ALA A 53 3.71 10.34 -6.46
C ALA A 53 2.95 9.28 -7.27
N LEU A 54 1.72 9.59 -7.63
CA LEU A 54 0.90 8.64 -8.37
C LEU A 54 1.33 8.57 -9.83
N THR A 55 2.07 7.51 -10.16
CA THR A 55 2.59 7.28 -11.52
C THR A 55 1.48 6.93 -12.50
N GLY A 56 0.61 6.00 -12.10
CA GLY A 56 -0.47 5.59 -12.96
C GLY A 56 -1.63 4.94 -12.24
N LEU A 57 -2.78 4.93 -12.91
CA LEU A 57 -4.02 4.34 -12.40
C LEU A 57 -4.51 3.42 -13.51
N GLU A 58 -5.08 2.29 -13.13
CA GLU A 58 -5.58 1.34 -14.12
C GLU A 58 -6.77 0.58 -13.55
N VAL A 59 -7.83 0.43 -14.35
CA VAL A 59 -9.01 -0.31 -13.92
C VAL A 59 -9.25 -1.44 -14.90
N TRP A 60 -9.36 -2.67 -14.39
CA TRP A 60 -9.58 -3.82 -15.24
C TRP A 60 -11.07 -3.97 -15.52
N THR A 61 -11.55 -3.13 -16.44
CA THR A 61 -12.96 -3.08 -16.82
C THR A 61 -13.61 -4.30 -17.45
N GLU A 62 -12.85 -5.11 -18.19
CA GLU A 62 -13.47 -6.28 -18.79
C GLU A 62 -12.99 -7.61 -18.25
N ARG A 63 -11.71 -7.71 -17.94
CA ARG A 63 -11.15 -8.95 -17.40
C ARG A 63 -9.95 -8.67 -16.50
N ASP A 64 -9.76 -9.49 -15.46
CA ASP A 64 -8.62 -9.31 -14.59
C ASP A 64 -7.39 -9.68 -15.43
N ARG A 65 -6.32 -8.91 -15.31
CA ARG A 65 -5.11 -9.18 -16.08
C ARG A 65 -4.24 -10.23 -15.40
N SER A 66 -4.51 -10.48 -14.12
CA SER A 66 -3.80 -11.49 -13.34
C SER A 66 -4.87 -12.20 -12.52
N ARG A 67 -4.69 -13.49 -12.25
CA ARG A 67 -5.67 -14.27 -11.50
C ARG A 67 -5.91 -13.80 -10.07
N VAL A 68 -7.13 -13.36 -9.79
CA VAL A 68 -7.49 -12.90 -8.45
C VAL A 68 -8.45 -13.93 -7.84
N THR A 69 -8.01 -14.61 -6.79
CA THR A 69 -8.82 -15.64 -6.13
C THR A 69 -8.91 -15.41 -4.63
N GLN A 70 -9.58 -16.33 -3.94
CA GLN A 70 -9.75 -16.24 -2.50
C GLN A 70 -8.41 -16.40 -1.79
N ASP A 71 -7.41 -16.90 -2.51
CA ASP A 71 -6.07 -17.11 -1.97
C ASP A 71 -5.25 -15.81 -2.09
N ALA A 72 -5.12 -15.09 -0.99
CA ALA A 72 -4.38 -13.82 -0.99
C ALA A 72 -2.95 -13.97 -1.50
N ASN A 73 -2.26 -15.01 -1.06
CA ASN A 73 -0.89 -15.23 -1.47
C ASN A 73 -0.77 -15.56 -2.96
N ALA A 74 -1.67 -16.40 -3.46
CA ALA A 74 -1.64 -16.75 -4.88
C ALA A 74 -1.94 -15.50 -5.69
N THR A 75 -2.93 -14.74 -5.22
CA THR A 75 -3.32 -13.50 -5.89
C THR A 75 -2.15 -12.52 -5.94
N LEU A 76 -1.44 -12.41 -4.82
CA LEU A 76 -0.30 -11.51 -4.73
C LEU A 76 0.78 -11.80 -5.76
N TRP A 77 1.27 -13.04 -5.79
CA TRP A 77 2.33 -13.36 -6.73
C TRP A 77 1.90 -13.37 -8.20
N ALA A 78 0.63 -13.65 -8.45
CA ALA A 78 0.13 -13.61 -9.83
C ALA A 78 0.15 -12.14 -10.26
N PHE A 79 -0.20 -11.25 -9.34
CA PHE A 79 -0.21 -9.82 -9.64
C PHE A 79 1.21 -9.31 -9.84
N LEU A 80 2.14 -9.80 -9.03
CA LEU A 80 3.54 -9.39 -9.12
C LEU A 80 4.19 -9.84 -10.42
N GLN A 81 3.78 -10.97 -10.96
CA GLN A 81 4.37 -11.41 -12.22
C GLN A 81 3.81 -10.53 -13.34
N TRP A 82 2.57 -10.08 -13.16
CA TRP A 82 1.95 -9.19 -14.15
C TRP A 82 2.61 -7.81 -14.07
N ARG A 83 2.93 -7.39 -12.85
CA ARG A 83 3.56 -6.09 -12.63
C ARG A 83 4.86 -5.91 -13.44
N ARG A 84 5.59 -7.00 -13.64
CA ARG A 84 6.84 -6.92 -14.39
C ARG A 84 6.63 -6.35 -15.79
N GLY A 85 5.66 -6.89 -16.51
CA GLY A 85 5.38 -6.39 -17.85
C GLY A 85 4.98 -4.93 -17.82
N LEU A 86 4.14 -4.57 -16.85
CA LEU A 86 3.69 -3.18 -16.70
C LEU A 86 4.85 -2.24 -16.45
N TRP A 87 5.74 -2.63 -15.54
CA TRP A 87 6.89 -1.82 -15.18
C TRP A 87 7.74 -1.39 -16.38
N ALA A 88 7.90 -2.30 -17.35
CA ALA A 88 8.68 -2.03 -18.55
C ALA A 88 8.10 -0.86 -19.33
N GLN A 89 6.77 -0.80 -19.40
CA GLN A 89 6.08 0.25 -20.13
C GLN A 89 5.84 1.50 -19.28
N ARG A 90 5.56 1.30 -18.00
CA ARG A 90 5.29 2.41 -17.11
C ARG A 90 6.00 2.23 -15.78
N PRO A 91 7.28 2.63 -15.73
CA PRO A 91 8.12 2.53 -14.53
C PRO A 91 7.45 3.12 -13.30
N HIS A 92 7.67 2.48 -12.16
CA HIS A 92 7.10 2.91 -10.89
C HIS A 92 7.88 2.17 -9.81
N ASP A 93 7.76 2.61 -8.56
CA ASP A 93 8.47 1.96 -7.47
C ASP A 93 7.70 0.78 -6.89
N SER A 94 6.39 0.96 -6.71
CA SER A 94 5.54 -0.07 -6.13
C SER A 94 4.16 -0.09 -6.81
N ALA A 95 3.67 -1.28 -7.10
CA ALA A 95 2.35 -1.42 -7.73
C ALA A 95 1.43 -2.02 -6.68
N GLN A 96 0.23 -1.45 -6.55
CA GLN A 96 -0.71 -1.92 -5.55
C GLN A 96 -2.07 -2.29 -6.14
N LEU A 97 -2.51 -3.50 -5.85
CA LEU A 97 -3.80 -3.96 -6.34
C LEU A 97 -4.86 -3.75 -5.28
N LEU A 98 -5.96 -3.14 -5.65
CA LEU A 98 -7.08 -2.93 -4.72
C LEU A 98 -8.19 -3.80 -5.31
N THR A 99 -8.62 -4.80 -4.54
CA THR A 99 -9.64 -5.73 -5.01
C THR A 99 -10.96 -5.63 -4.29
N GLY A 100 -12.05 -5.95 -5.01
CA GLY A 100 -13.36 -5.92 -4.43
C GLY A 100 -13.70 -7.26 -3.79
N ARG A 101 -12.82 -8.23 -3.98
CA ARG A 101 -13.02 -9.56 -3.41
C ARG A 101 -12.46 -9.68 -2.00
N ALA A 102 -12.94 -10.67 -1.26
CA ALA A 102 -12.48 -10.92 0.09
C ALA A 102 -11.59 -12.16 0.03
N PHE A 103 -10.58 -12.21 0.89
CA PHE A 103 -9.66 -13.33 0.91
C PHE A 103 -10.00 -14.35 1.99
N GLN A 104 -9.68 -15.60 1.71
CA GLN A 104 -9.93 -16.69 2.64
C GLN A 104 -8.90 -16.57 3.77
N GLY A 105 -9.33 -16.79 5.01
CA GLY A 105 -8.41 -16.71 6.13
C GLY A 105 -8.34 -15.39 6.87
N ALA A 106 -9.35 -14.55 6.69
CA ALA A 106 -9.39 -13.25 7.36
C ALA A 106 -8.31 -12.27 6.92
N THR A 107 -7.57 -12.62 5.87
CA THR A 107 -6.51 -11.75 5.36
C THR A 107 -7.10 -10.52 4.68
N VAL A 108 -6.60 -9.34 5.01
CA VAL A 108 -7.09 -8.10 4.41
C VAL A 108 -6.10 -7.50 3.42
N GLY A 109 -4.82 -7.78 3.61
CA GLY A 109 -3.80 -7.24 2.73
C GLY A 109 -2.56 -8.11 2.80
N LEU A 110 -1.71 -8.04 1.78
CA LEU A 110 -0.50 -8.84 1.77
C LEU A 110 0.57 -8.30 0.82
N ALA A 111 1.83 -8.41 1.23
CA ALA A 111 2.95 -7.94 0.41
C ALA A 111 4.22 -8.67 0.87
N PRO A 112 5.22 -8.80 -0.03
CA PRO A 112 6.47 -9.49 0.31
C PRO A 112 7.29 -8.59 1.24
N VAL A 113 7.83 -9.17 2.31
CA VAL A 113 8.62 -8.40 3.26
C VAL A 113 9.94 -7.98 2.63
N GLU A 114 10.27 -6.70 2.77
CA GLU A 114 11.50 -6.10 2.25
C GLU A 114 11.66 -6.16 0.73
N GLY A 115 10.55 -6.27 0.01
CA GLY A 115 10.63 -6.33 -1.44
C GLY A 115 10.56 -4.99 -2.16
N MET A 116 10.55 -3.88 -1.41
CA MET A 116 10.45 -2.56 -2.04
C MET A 116 11.57 -2.34 -3.06
N CYS A 117 11.17 -1.99 -4.28
CA CYS A 117 12.09 -1.71 -5.39
C CYS A 117 12.59 -2.95 -6.15
N ARG A 118 12.37 -4.15 -5.59
CA ARG A 118 12.82 -5.36 -6.28
C ARG A 118 11.90 -5.67 -7.45
N ALA A 119 12.48 -6.02 -8.60
CA ALA A 119 11.69 -6.32 -9.79
C ALA A 119 10.65 -7.40 -9.58
N GLU A 120 10.96 -8.39 -8.75
CA GLU A 120 10.05 -9.50 -8.55
C GLU A 120 9.02 -9.39 -7.43
N SER A 121 9.18 -8.43 -6.53
CA SER A 121 8.26 -8.37 -5.40
C SER A 121 7.88 -7.00 -4.85
N SER A 122 8.05 -5.95 -5.62
CA SER A 122 7.70 -4.62 -5.14
C SER A 122 6.24 -4.29 -5.44
N GLY A 123 5.35 -4.86 -4.64
CA GLY A 123 3.93 -4.61 -4.83
C GLY A 123 3.13 -5.23 -3.70
N GLY A 124 1.82 -5.07 -3.77
CA GLY A 124 0.97 -5.63 -2.73
C GLY A 124 -0.47 -5.71 -3.17
N VAL A 125 -1.29 -6.39 -2.38
CA VAL A 125 -2.71 -6.54 -2.68
C VAL A 125 -3.48 -6.18 -1.42
N SER A 126 -4.56 -5.42 -1.59
CA SER A 126 -5.39 -5.01 -0.47
C SER A 126 -6.86 -5.10 -0.88
N THR A 127 -7.72 -5.49 0.05
CA THR A 127 -9.15 -5.56 -0.24
C THR A 127 -9.76 -4.23 0.19
N ASP A 128 -10.69 -3.70 -0.59
CA ASP A 128 -11.36 -2.45 -0.26
C ASP A 128 -12.47 -2.84 0.71
N HIS A 129 -12.06 -3.08 1.95
CA HIS A 129 -12.96 -3.58 3.00
C HIS A 129 -13.90 -2.62 3.71
N SER A 130 -13.61 -1.32 3.66
CA SER A 130 -14.45 -0.35 4.37
C SER A 130 -15.13 0.63 3.42
N GLU A 131 -16.27 1.16 3.85
CA GLU A 131 -16.97 2.15 3.03
C GLU A 131 -16.05 3.35 2.97
N LEU A 132 -15.28 3.53 4.04
CA LEU A 132 -14.34 4.65 4.12
C LEU A 132 -13.07 4.33 3.34
N PRO A 133 -12.60 5.28 2.53
CA PRO A 133 -11.38 5.12 1.72
C PRO A 133 -10.15 4.87 2.61
N ILE A 134 -10.12 5.50 3.78
CA ILE A 134 -8.99 5.35 4.69
C ILE A 134 -8.81 3.91 5.16
N GLY A 135 -9.87 3.11 5.11
CA GLY A 135 -9.75 1.72 5.55
C GLY A 135 -8.75 0.96 4.69
N ALA A 136 -8.97 0.98 3.38
CA ALA A 136 -8.10 0.31 2.42
C ALA A 136 -6.72 0.95 2.42
N ALA A 137 -6.68 2.27 2.57
CA ALA A 137 -5.41 2.99 2.57
C ALA A 137 -4.56 2.54 3.76
N ALA A 138 -5.18 2.40 4.92
CA ALA A 138 -4.44 1.97 6.10
C ALA A 138 -3.86 0.57 5.88
N THR A 139 -4.63 -0.29 5.22
CA THR A 139 -4.19 -1.64 4.91
C THR A 139 -3.03 -1.62 3.92
N MET A 140 -3.17 -0.79 2.89
CA MET A 140 -2.15 -0.65 1.86
C MET A 140 -0.87 -0.06 2.43
N ALA A 141 -1.01 0.95 3.29
CA ALA A 141 0.17 1.58 3.91
C ALA A 141 0.87 0.58 4.84
N HIS A 142 0.10 -0.25 5.52
CA HIS A 142 0.65 -1.28 6.42
C HIS A 142 1.51 -2.24 5.60
N GLU A 143 1.00 -2.66 4.44
CA GLU A 143 1.72 -3.57 3.56
C GLU A 143 2.93 -2.91 2.91
N ILE A 144 2.84 -1.61 2.62
CA ILE A 144 3.97 -0.90 2.04
C ILE A 144 5.03 -0.87 3.14
N GLY A 145 4.57 -0.80 4.38
CA GLY A 145 5.46 -0.79 5.52
C GLY A 145 6.24 -2.09 5.56
N HIS A 146 5.54 -3.20 5.37
CA HIS A 146 6.20 -4.51 5.35
C HIS A 146 7.16 -4.57 4.18
N SER A 147 6.79 -3.93 3.07
CA SER A 147 7.63 -3.89 1.88
C SER A 147 8.94 -3.16 2.21
N LEU A 148 8.83 -2.19 3.12
CA LEU A 148 10.00 -1.41 3.55
C LEU A 148 10.68 -2.04 4.75
N GLY A 149 10.36 -3.30 5.02
CA GLY A 149 10.98 -4.01 6.12
C GLY A 149 10.54 -3.61 7.51
N LEU A 150 9.39 -2.95 7.61
CA LEU A 150 8.89 -2.52 8.91
C LEU A 150 8.14 -3.67 9.58
N SER A 151 8.36 -3.85 10.88
CA SER A 151 7.68 -4.92 11.60
C SER A 151 6.46 -4.34 12.28
N HIS A 152 5.68 -5.21 12.92
CA HIS A 152 4.51 -4.75 13.65
C HIS A 152 5.06 -4.05 14.88
N ASP A 153 4.30 -3.09 15.41
CA ASP A 153 4.71 -2.33 16.58
C ASP A 153 4.79 -3.17 17.86
N PRO A 154 5.94 -3.11 18.56
CA PRO A 154 6.14 -3.85 19.80
C PRO A 154 5.23 -3.29 20.91
N ASP A 155 5.46 -3.71 22.16
CA ASP A 155 4.62 -3.33 23.33
C ASP A 155 4.19 -1.87 23.57
N GLY A 156 5.14 -0.96 23.84
CA GLY A 156 4.74 0.42 24.12
C GLY A 156 5.02 1.36 22.97
N CYS A 157 5.16 0.77 21.78
CA CYS A 157 5.42 1.55 20.60
C CYS A 157 4.08 2.16 20.22
N CYS A 158 4.11 3.38 19.73
CA CYS A 158 2.92 4.12 19.32
C CYS A 158 2.33 4.90 20.49
N VAL A 159 2.88 6.08 20.72
CA VAL A 159 2.42 6.94 21.80
C VAL A 159 1.72 8.13 21.14
N GLU A 160 2.01 8.33 19.86
CA GLU A 160 1.46 9.44 19.09
C GLU A 160 0.05 9.18 18.54
N ALA A 161 -0.72 8.33 19.20
CA ALA A 161 -2.08 8.03 18.75
C ALA A 161 -2.80 7.03 19.66
N ALA A 162 -3.93 7.45 20.20
CA ALA A 162 -4.71 6.59 21.09
C ALA A 162 -5.78 5.81 20.36
N ALA A 163 -6.48 4.96 21.09
CA ALA A 163 -7.54 4.12 20.54
C ALA A 163 -8.47 4.87 19.58
N GLU A 164 -9.24 5.81 20.13
CA GLU A 164 -10.20 6.57 19.34
C GLU A 164 -9.58 7.33 18.17
N SER A 165 -8.26 7.47 18.17
CA SER A 165 -7.63 8.19 17.09
C SER A 165 -7.18 7.24 15.99
N GLY A 166 -7.34 5.94 16.26
CA GLY A 166 -6.96 4.90 15.31
C GLY A 166 -5.64 4.18 15.54
N GLY A 167 -4.81 4.72 16.43
CA GLY A 167 -3.52 4.10 16.69
C GLY A 167 -2.54 4.29 15.55
N CYS A 168 -1.53 3.43 15.49
CA CYS A 168 -0.51 3.50 14.45
C CYS A 168 -0.69 2.46 13.37
N VAL A 169 -0.15 2.76 12.19
CA VAL A 169 -0.28 1.89 11.03
C VAL A 169 0.27 0.46 11.15
N MET A 170 1.43 0.29 11.76
CA MET A 170 1.99 -1.05 11.87
C MET A 170 1.47 -1.85 13.07
N ALA A 171 0.23 -1.59 13.46
CA ALA A 171 -0.39 -2.32 14.56
C ALA A 171 -0.73 -3.71 14.01
N ALA A 172 -0.72 -4.71 14.88
CA ALA A 172 -1.02 -6.08 14.46
C ALA A 172 -2.50 -6.30 14.18
N ALA A 173 -3.35 -5.47 14.76
CA ALA A 173 -4.80 -5.58 14.56
C ALA A 173 -5.32 -4.46 13.68
N THR A 174 -6.34 -4.75 12.88
CA THR A 174 -6.93 -3.76 11.98
C THR A 174 -8.43 -3.63 12.16
N GLY A 175 -8.94 -2.42 11.92
CA GLY A 175 -10.36 -2.16 12.07
C GLY A 175 -10.59 -0.72 12.47
N HIS A 176 -11.78 -0.22 12.22
CA HIS A 176 -12.13 1.15 12.57
C HIS A 176 -12.10 1.33 14.08
N PRO A 177 -11.59 2.48 14.58
CA PRO A 177 -11.03 3.62 13.84
C PRO A 177 -9.69 3.27 13.22
N PHE A 178 -9.45 3.76 12.01
CA PHE A 178 -8.19 3.46 11.32
C PHE A 178 -7.04 4.40 11.65
N PRO A 179 -5.80 3.89 11.58
CA PRO A 179 -4.59 4.66 11.88
C PRO A 179 -4.23 5.72 10.85
N ARG A 180 -3.67 6.83 11.32
CA ARG A 180 -3.27 7.91 10.42
C ARG A 180 -1.79 8.24 10.52
N VAL A 181 -1.08 7.56 11.41
CA VAL A 181 0.34 7.82 11.60
C VAL A 181 1.13 6.55 11.88
N PHE A 182 2.43 6.61 11.58
CA PHE A 182 3.33 5.49 11.84
C PHE A 182 4.02 5.85 13.15
N SER A 183 4.24 4.86 14.00
CA SER A 183 4.88 5.09 15.29
C SER A 183 6.33 5.53 15.12
N ALA A 184 6.91 6.03 16.20
CA ALA A 184 8.30 6.46 16.18
C ALA A 184 9.18 5.22 15.96
N CYS A 185 8.72 4.09 16.48
CA CYS A 185 9.46 2.84 16.32
C CYS A 185 9.57 2.54 14.82
N SER A 186 8.46 2.71 14.10
CA SER A 186 8.44 2.47 12.66
C SER A 186 9.37 3.42 11.94
N ARG A 187 9.36 4.69 12.35
CA ARG A 187 10.21 5.68 11.72
C ARG A 187 11.69 5.34 11.88
N ARG A 188 12.08 4.86 13.05
CA ARG A 188 13.47 4.48 13.27
C ARG A 188 13.84 3.27 12.41
N GLN A 189 12.94 2.31 12.32
CA GLN A 189 13.21 1.12 11.50
C GLN A 189 13.41 1.53 10.04
N LEU A 190 12.60 2.48 9.56
CA LEU A 190 12.72 2.92 8.18
C LEU A 190 14.04 3.61 7.91
N ARG A 191 14.46 4.51 8.80
CA ARG A 191 15.74 5.19 8.59
C ARG A 191 16.89 4.19 8.57
N ALA A 192 16.78 3.13 9.37
CA ALA A 192 17.82 2.10 9.39
C ALA A 192 17.81 1.34 8.06
N PHE A 193 16.60 1.07 7.57
CA PHE A 193 16.43 0.35 6.31
C PHE A 193 17.12 1.10 5.17
N PHE A 194 16.85 2.40 5.06
CA PHE A 194 17.45 3.23 4.01
C PHE A 194 18.97 3.29 4.18
N ARG A 195 19.40 3.53 5.42
CA ARG A 195 20.84 3.63 5.72
C ARG A 195 21.54 2.35 5.29
N LYS A 196 20.88 1.22 5.50
CA LYS A 196 21.46 -0.07 5.15
C LYS A 196 21.34 -0.43 3.68
N GLY A 197 20.78 0.48 2.88
CA GLY A 197 20.68 0.24 1.45
C GLY A 197 19.33 -0.16 0.89
N GLY A 198 18.34 -0.31 1.75
CA GLY A 198 17.02 -0.71 1.26
C GLY A 198 16.25 0.46 0.66
N GLY A 199 15.29 0.14 -0.20
CA GLY A 199 14.46 1.15 -0.82
C GLY A 199 15.21 2.22 -1.60
N ALA A 200 16.27 1.82 -2.29
CA ALA A 200 17.07 2.75 -3.06
C ALA A 200 16.26 3.53 -4.10
N CYS A 201 15.21 2.91 -4.63
CA CYS A 201 14.41 3.57 -5.67
C CYS A 201 13.51 4.72 -5.21
N LEU A 202 13.43 4.99 -3.91
CA LEU A 202 12.61 6.10 -3.43
C LEU A 202 13.38 7.41 -3.37
N SER A 203 14.60 7.41 -3.91
CA SER A 203 15.44 8.60 -3.88
C SER A 203 15.10 9.70 -4.88
N ASN A 204 14.62 9.33 -6.07
CA ASN A 204 14.34 10.33 -7.06
C ASN A 204 13.02 11.07 -6.88
N ALA A 205 13.07 12.38 -7.09
CA ALA A 205 11.88 13.20 -6.99
C ALA A 205 11.23 13.11 -8.37
N PRO A 206 9.94 12.77 -8.43
CA PRO A 206 9.27 12.66 -9.73
C PRO A 206 9.22 13.98 -10.51
#